data_2OZ2
#
_entry.id   2OZ2
#
_cell.length_a   134.346
_cell.length_b   37.954
_cell.length_c   95.202
_cell.angle_alpha   90.00
_cell.angle_beta   114.34
_cell.angle_gamma   90.00
#
_symmetry.space_group_name_H-M   'C 1 2 1'
#
loop_
_entity.id
_entity.type
_entity.pdbx_description
1 polymer Cruzipain
2 non-polymer 'SULFATE ION'
3 non-polymer NALPHA-[(4-METHYLPIPERAZIN-1-YL)CARBONYL]-N-{(1S)-3-PHENYL-1-[2-(PHENYLSULFONYL)ETHYL]PROPYL}-L-PHENYLALANINAMIDE
4 water water
#
_entity_poly.entity_id   1
_entity_poly.type   'polypeptide(L)'
_entity_poly.pdbx_seq_one_letter_code
;APAAVDWRARGAVTAVKDQGQCGSCWAFSAIGNVECQWFLAGHPLTNLSEQMLVSCDKTDSGCSGGLMNNAFEWIVQENN
GAVYTEDSYPYASGEGISPPCTTSGHTVGATITGHVELPQDEAQIAAWLAVNGPVAVAVDASSWMTYTGGVMTSCVSEQL
DHGVLLVGYNDSAAVPYWIIKNSWTTQWGEEGYIRIAKGSNQCLVKEEASSAVVG
;
_entity_poly.pdbx_strand_id   A,C
#
loop_
_chem_comp.id
_chem_comp.type
_chem_comp.name
_chem_comp.formula
D1R non-polymer NALPHA-[(4-METHYLPIPERAZIN-1-YL)CARBONYL]-N-{(1S)-3-PHENYL-1-[2-(PHENYLSULFONYL)ETHYL]PROPYL}-L-PHENYLALANINAMIDE 'C32 H40 N4 O4 S'
SO4 non-polymer 'SULFATE ION' 'O4 S -2'
#
# COMPACT_ATOMS: atom_id res chain seq x y z
N ALA A 1 -23.85 21.45 17.39
CA ALA A 1 -24.03 20.67 16.14
C ALA A 1 -25.16 19.67 16.33
N PRO A 2 -25.78 19.19 15.23
CA PRO A 2 -26.78 18.12 15.34
C PRO A 2 -26.26 16.90 16.07
N ALA A 3 -27.18 16.20 16.76
CA ALA A 3 -26.90 14.96 17.47
C ALA A 3 -26.30 13.91 16.54
N ALA A 4 -26.85 13.84 15.34
CA ALA A 4 -26.50 12.80 14.38
C ALA A 4 -26.79 13.30 12.97
N VAL A 5 -25.89 12.96 12.06
CA VAL A 5 -26.04 13.30 10.65
C VAL A 5 -25.66 12.07 9.84
N ASP A 6 -26.48 11.72 8.85
CA ASP A 6 -26.16 10.67 7.91
C ASP A 6 -26.47 11.18 6.50
N TRP A 7 -25.45 11.63 5.78
CA TRP A 7 -25.64 12.18 4.43
C TRP A 7 -26.22 11.16 3.42
N ARG A 8 -26.06 9.87 3.69
CA ARG A 8 -26.68 8.83 2.86
C ARG A 8 -28.21 8.92 2.90
N ALA A 9 -28.76 9.13 4.09
CA ALA A 9 -30.21 9.29 4.27
C ALA A 9 -30.76 10.50 3.52
N ARG A 10 -29.91 11.49 3.29
CA ARG A 10 -30.28 12.73 2.64
C ARG A 10 -30.08 12.68 1.11
N GLY A 11 -29.56 11.55 0.62
CA GLY A 11 -29.46 11.33 -0.83
C GLY A 11 -28.19 11.92 -1.44
N ALA A 12 -27.23 12.24 -0.58
CA ALA A 12 -26.02 12.96 -0.99
C ALA A 12 -24.86 12.06 -1.41
N VAL A 13 -25.03 10.74 -1.27
CA VAL A 13 -23.90 9.82 -1.42
C VAL A 13 -24.16 8.77 -2.50
N THR A 14 -23.24 8.64 -3.44
CA THR A 14 -23.36 7.63 -4.51
C THR A 14 -23.06 6.23 -3.97
N ALA A 15 -23.30 5.21 -4.80
CA ALA A 15 -23.08 3.82 -4.43
C ALA A 15 -21.64 3.55 -4.00
N VAL A 16 -21.48 2.53 -3.15
CA VAL A 16 -20.15 2.04 -2.78
C VAL A 16 -19.45 1.47 -4.01
N LYS A 17 -18.19 1.85 -4.20
CA LYS A 17 -17.41 1.45 -5.36
C LYS A 17 -16.37 0.39 -5.03
N ASP A 18 -15.62 -0.02 -6.05
CA ASP A 18 -14.59 -1.04 -5.93
C ASP A 18 -13.33 -0.54 -6.61
N GLN A 19 -12.31 -0.20 -5.83
CA GLN A 19 -11.05 0.23 -6.40
C GLN A 19 -10.35 -0.95 -7.09
N GLY A 20 -10.76 -2.17 -6.76
CA GLY A 20 -10.14 -3.36 -7.34
C GLY A 20 -8.73 -3.54 -6.81
N GLN A 21 -7.86 -4.16 -7.61
CA GLN A 21 -6.49 -4.48 -7.19
C GLN A 21 -5.53 -3.35 -7.56
N CYS A 22 -5.80 -2.18 -6.97
CA CYS A 22 -5.11 -0.94 -7.31
C CYS A 22 -5.17 -0.03 -6.08
N GLY A 23 -4.05 0.62 -5.74
CA GLY A 23 -3.97 1.49 -4.58
C GLY A 23 -4.48 2.89 -4.88
N SER A 24 -5.67 2.96 -5.47
CA SER A 24 -6.29 4.21 -5.87
C SER A 24 -7.28 4.75 -4.85
N CYS A 25 -7.23 4.21 -3.62
CA CYS A 25 -8.06 4.70 -2.52
C CYS A 25 -8.10 6.23 -2.45
N TRP A 26 -6.95 6.88 -2.60
CA TRP A 26 -6.87 8.36 -2.58
C TRP A 26 -7.80 9.03 -3.63
N ALA A 27 -7.86 8.44 -4.82
CA ALA A 27 -8.73 8.94 -5.89
C ALA A 27 -10.20 8.71 -5.59
N PHE A 28 -10.55 7.54 -5.04
CA PHE A 28 -11.93 7.25 -4.64
C PHE A 28 -12.43 8.19 -3.54
N SER A 29 -11.57 8.48 -2.56
CA SER A 29 -11.86 9.42 -1.47
C SER A 29 -12.12 10.84 -2.01
N ALA A 30 -11.18 11.36 -2.81
CA ALA A 30 -11.32 12.72 -3.38
C ALA A 30 -12.57 12.82 -4.24
N ILE A 31 -12.80 11.83 -5.09
CA ILE A 31 -13.94 11.83 -6.00
C ILE A 31 -15.29 11.68 -5.27
N GLY A 32 -15.36 10.78 -4.30
CA GLY A 32 -16.56 10.66 -3.44
C GLY A 32 -16.93 12.00 -2.80
N ASN A 33 -15.93 12.68 -2.25
CA ASN A 33 -16.14 14.03 -1.75
C ASN A 33 -16.71 15.02 -2.80
N VAL A 34 -16.06 15.10 -3.97
CA VAL A 34 -16.53 16.02 -5.02
C VAL A 34 -17.99 15.66 -5.42
N GLU A 35 -18.27 14.38 -5.52
CA GLU A 35 -19.64 13.90 -5.82
C GLU A 35 -20.67 14.49 -4.85
N CYS A 36 -20.36 14.40 -3.56
CA CYS A 36 -21.26 14.87 -2.52
C CYS A 36 -21.42 16.38 -2.55
N GLN A 37 -20.28 17.07 -2.70
CA GLN A 37 -20.24 18.53 -2.70
C GLN A 37 -20.99 19.13 -3.90
N TRP A 38 -20.90 18.46 -5.05
CA TRP A 38 -21.61 18.89 -6.24
C TRP A 38 -23.12 18.77 -6.01
N PHE A 39 -23.56 17.62 -5.48
CA PHE A 39 -24.97 17.42 -5.12
C PHE A 39 -25.47 18.48 -4.13
N LEU A 40 -24.68 18.75 -3.10
CA LEU A 40 -25.10 19.70 -2.05
C LEU A 40 -25.15 21.16 -2.53
N ALA A 41 -24.51 21.44 -3.67
CA ALA A 41 -24.62 22.75 -4.32
C ALA A 41 -25.88 22.84 -5.22
N GLY A 42 -26.74 21.81 -5.16
CA GLY A 42 -28.03 21.82 -5.84
C GLY A 42 -28.10 21.09 -7.17
N HIS A 43 -27.00 20.42 -7.53
CA HIS A 43 -26.93 19.64 -8.76
C HIS A 43 -27.36 18.17 -8.53
N PRO A 44 -27.81 17.47 -9.60
CA PRO A 44 -28.13 16.05 -9.41
C PRO A 44 -26.91 15.23 -8.97
N LEU A 45 -27.14 14.22 -8.14
CA LEU A 45 -26.10 13.29 -7.72
C LEU A 45 -25.60 12.50 -8.92
N THR A 46 -24.31 12.60 -9.20
CA THR A 46 -23.74 11.95 -10.38
C THR A 46 -22.41 11.29 -10.05
N ASN A 47 -22.19 10.09 -10.59
CA ASN A 47 -20.89 9.39 -10.45
C ASN A 47 -19.82 10.10 -11.26
N LEU A 48 -18.69 10.38 -10.62
CA LEU A 48 -17.59 11.11 -11.26
C LEU A 48 -16.39 10.19 -11.44
N SER A 49 -15.34 10.68 -12.09
CA SER A 49 -14.29 9.78 -12.58
C SER A 49 -13.06 9.66 -11.71
N GLU A 50 -12.93 8.55 -11.00
CA GLU A 50 -11.67 8.19 -10.35
C GLU A 50 -10.57 8.00 -11.39
N GLN A 51 -10.91 7.45 -12.56
CA GLN A 51 -9.89 7.18 -13.59
C GLN A 51 -9.18 8.47 -14.02
N MET A 52 -9.94 9.56 -14.08
CA MET A 52 -9.38 10.84 -14.45
C MET A 52 -8.17 11.12 -13.57
N LEU A 53 -8.31 10.99 -12.26
CA LEU A 53 -7.17 11.26 -11.35
C LEU A 53 -6.08 10.20 -11.45
N VAL A 54 -6.47 8.93 -11.45
CA VAL A 54 -5.50 7.82 -11.50
C VAL A 54 -4.59 7.95 -12.73
N SER A 55 -5.17 8.22 -13.90
CA SER A 55 -4.39 8.36 -15.13
C SER A 55 -3.71 9.72 -15.28
N CYS A 56 -4.35 10.79 -14.85
CA CYS A 56 -3.92 12.13 -15.28
C CYS A 56 -3.21 13.00 -14.26
N ASP A 57 -3.47 12.71 -12.98
CA ASP A 57 -2.89 13.47 -11.89
C ASP A 57 -1.47 12.97 -11.62
N LYS A 58 -0.50 13.64 -12.22
CA LYS A 58 0.87 13.16 -12.15
C LYS A 58 1.60 13.64 -10.89
N THR A 59 0.90 14.38 -10.02
CA THR A 59 1.44 14.70 -8.70
C THR A 59 1.16 13.58 -7.68
N ASP A 60 0.38 12.59 -8.11
CA ASP A 60 0.12 11.40 -7.31
C ASP A 60 0.60 10.19 -8.09
N SER A 61 0.48 8.98 -7.53
CA SER A 61 1.14 7.81 -8.11
C SER A 61 0.22 6.66 -8.52
N GLY A 62 -0.97 6.99 -9.01
CA GLY A 62 -1.86 6.00 -9.65
C GLY A 62 -2.20 4.84 -8.73
N CYS A 63 -1.87 3.63 -9.14
CA CYS A 63 -2.16 2.45 -8.31
C CYS A 63 -1.15 2.23 -7.18
N SER A 64 -0.15 3.11 -7.09
CA SER A 64 0.81 3.04 -6.01
C SER A 64 0.62 4.14 -4.96
N GLY A 65 -0.53 4.80 -5.01
CA GLY A 65 -0.93 5.71 -3.92
C GLY A 65 -0.94 7.17 -4.30
N GLY A 66 -1.48 7.99 -3.40
CA GLY A 66 -1.53 9.43 -3.59
C GLY A 66 -2.14 10.11 -2.38
N LEU A 67 -2.41 11.41 -2.51
CA LEU A 67 -2.95 12.21 -1.42
C LEU A 67 -4.15 12.98 -1.92
N MET A 68 -5.24 12.95 -1.17
CA MET A 68 -6.46 13.67 -1.57
C MET A 68 -6.21 15.18 -1.77
N ASN A 69 -5.44 15.79 -0.87
CA ASN A 69 -5.08 17.21 -1.04
C ASN A 69 -4.32 17.51 -2.33
N ASN A 70 -3.38 16.64 -2.69
CA ASN A 70 -2.79 16.70 -4.04
C ASN A 70 -3.82 16.59 -5.15
N ALA A 71 -4.75 15.63 -5.03
CA ALA A 71 -5.78 15.43 -6.05
C ALA A 71 -6.65 16.68 -6.25
N PHE A 72 -7.09 17.31 -5.16
CA PHE A 72 -7.90 18.52 -5.25
C PHE A 72 -7.12 19.65 -5.91
N GLU A 73 -5.84 19.76 -5.57
CA GLU A 73 -4.96 20.80 -6.11
C GLU A 73 -4.77 20.60 -7.61
N TRP A 74 -4.59 19.34 -8.02
CA TRP A 74 -4.45 18.97 -9.45
C TRP A 74 -5.72 19.35 -10.23
N ILE A 75 -6.88 18.96 -9.71
CA ILE A 75 -8.16 19.29 -10.35
C ILE A 75 -8.26 20.82 -10.60
N VAL A 76 -7.90 21.61 -9.60
CA VAL A 76 -8.01 23.06 -9.72
C VAL A 76 -6.88 23.65 -10.56
N GLN A 77 -5.64 23.33 -10.20
CA GLN A 77 -4.45 23.93 -10.82
C GLN A 77 -4.13 23.41 -12.24
N GLU A 78 -4.35 22.11 -12.47
CA GLU A 78 -4.00 21.51 -13.76
C GLU A 78 -5.20 21.13 -14.62
N ASN A 79 -6.39 21.03 -14.02
CA ASN A 79 -7.58 20.69 -14.80
C ASN A 79 -8.65 21.80 -14.76
N ASN A 80 -8.25 22.97 -14.29
CA ASN A 80 -9.12 24.17 -14.16
C ASN A 80 -10.50 23.91 -13.54
N GLY A 81 -10.47 23.09 -12.49
CA GLY A 81 -11.64 22.74 -11.70
C GLY A 81 -12.49 21.59 -12.21
N ALA A 82 -12.23 21.11 -13.42
CA ALA A 82 -13.11 20.12 -14.07
C ALA A 82 -12.95 18.71 -13.54
N VAL A 83 -14.08 18.04 -13.29
CA VAL A 83 -14.10 16.62 -12.94
C VAL A 83 -15.02 15.89 -13.89
N TYR A 84 -14.48 14.94 -14.66
CA TYR A 84 -15.29 14.23 -15.66
C TYR A 84 -16.24 13.24 -15.00
N THR A 85 -17.31 12.90 -15.74
CA THR A 85 -18.27 11.90 -15.31
C THR A 85 -17.62 10.53 -15.39
N GLU A 86 -18.11 9.62 -14.56
CA GLU A 86 -17.69 8.22 -14.61
C GLU A 86 -18.04 7.61 -15.95
N ASP A 87 -19.27 7.87 -16.40
CA ASP A 87 -19.74 7.35 -17.67
C ASP A 87 -18.81 7.67 -18.85
N SER A 88 -18.27 8.89 -18.91
CA SER A 88 -17.42 9.30 -20.03
C SER A 88 -15.91 9.05 -19.83
N TYR A 89 -15.51 8.78 -18.58
CA TYR A 89 -14.14 8.40 -18.28
C TYR A 89 -14.18 7.26 -17.26
N PRO A 90 -14.64 6.05 -17.68
CA PRO A 90 -14.89 4.99 -16.69
C PRO A 90 -13.65 4.36 -16.07
N TYR A 91 -13.80 3.84 -14.85
CA TYR A 91 -12.71 3.21 -14.12
C TYR A 91 -12.15 2.02 -14.86
N ALA A 92 -10.84 2.00 -15.01
CA ALA A 92 -10.18 0.99 -15.83
C ALA A 92 -9.01 0.33 -15.12
N SER A 93 -8.81 0.66 -13.84
CA SER A 93 -7.60 0.24 -13.12
C SER A 93 -7.77 -0.92 -12.14
N GLY A 94 -8.90 -1.65 -12.23
CA GLY A 94 -9.23 -2.72 -11.28
C GLY A 94 -8.27 -3.89 -11.24
N GLU A 95 -7.49 -4.06 -12.31
CA GLU A 95 -6.46 -5.10 -12.37
C GLU A 95 -5.04 -4.53 -12.18
N GLY A 96 -4.97 -3.30 -11.70
CA GLY A 96 -3.69 -2.68 -11.31
C GLY A 96 -2.98 -1.92 -12.40
N ILE A 97 -3.52 -1.92 -13.61
CA ILE A 97 -2.91 -1.17 -14.69
C ILE A 97 -3.77 0.01 -15.10
N SER A 98 -3.18 1.20 -14.97
CA SER A 98 -3.85 2.44 -15.31
C SER A 98 -3.53 2.86 -16.75
N PRO A 99 -4.54 2.93 -17.61
CA PRO A 99 -4.34 3.36 -19.00
C PRO A 99 -3.83 4.81 -19.08
N PRO A 100 -3.09 5.15 -20.15
CA PRO A 100 -2.56 6.49 -20.28
C PRO A 100 -3.69 7.52 -20.20
N CYS A 101 -3.35 8.69 -19.71
CA CYS A 101 -4.27 9.81 -19.59
C CYS A 101 -4.81 10.23 -20.96
N THR A 102 -6.13 10.45 -21.03
CA THR A 102 -6.77 11.03 -22.22
C THR A 102 -7.59 12.25 -21.83
N THR A 103 -7.76 13.20 -22.76
CA THR A 103 -8.52 14.43 -22.51
C THR A 103 -9.79 14.48 -23.36
N SER A 104 -9.63 14.36 -24.67
CA SER A 104 -10.76 14.37 -25.58
C SER A 104 -11.68 13.16 -25.36
N GLY A 105 -12.97 13.40 -25.53
CA GLY A 105 -13.97 12.35 -25.42
C GLY A 105 -14.62 12.27 -24.06
N HIS A 106 -14.15 13.09 -23.13
CA HIS A 106 -14.67 13.07 -21.76
C HIS A 106 -15.58 14.27 -21.51
N THR A 107 -16.57 14.04 -20.65
CA THR A 107 -17.60 15.02 -20.33
C THR A 107 -17.46 15.46 -18.87
N VAL A 108 -17.37 16.78 -18.67
CA VAL A 108 -17.27 17.37 -17.33
C VAL A 108 -18.58 17.19 -16.56
N GLY A 109 -18.49 16.58 -15.38
CA GLY A 109 -19.65 16.36 -14.51
C GLY A 109 -19.76 17.34 -13.37
N ALA A 110 -18.63 17.82 -12.87
CA ALA A 110 -18.63 18.77 -11.79
C ALA A 110 -17.49 19.75 -11.97
N THR A 111 -17.61 20.91 -11.35
CA THR A 111 -16.52 21.86 -11.29
C THR A 111 -16.30 22.26 -9.83
N ILE A 112 -15.03 22.27 -9.41
CA ILE A 112 -14.67 22.77 -8.08
C ILE A 112 -13.75 24.00 -8.23
N THR A 113 -13.72 24.85 -7.21
CA THR A 113 -12.94 26.09 -7.25
C THR A 113 -11.71 26.04 -6.35
N GLY A 114 -11.67 25.06 -5.45
CA GLY A 114 -10.60 24.97 -4.47
C GLY A 114 -10.84 23.82 -3.51
N HIS A 115 -10.14 23.83 -2.39
CA HIS A 115 -10.35 22.82 -1.38
C HIS A 115 -9.99 23.43 -0.03
N VAL A 116 -10.60 22.92 1.03
CA VAL A 116 -10.24 23.37 2.37
C VAL A 116 -9.64 22.24 3.18
N GLU A 117 -8.72 22.58 4.06
CA GLU A 117 -8.12 21.59 4.93
C GLU A 117 -8.63 21.92 6.33
N LEU A 118 -9.30 20.96 6.94
CA LEU A 118 -10.06 21.19 8.16
C LEU A 118 -9.15 20.98 9.36
N PRO A 119 -9.52 21.58 10.51
CA PRO A 119 -8.71 21.45 11.73
C PRO A 119 -8.56 19.99 12.14
N GLN A 120 -7.47 19.66 12.83
CA GLN A 120 -7.27 18.32 13.35
C GLN A 120 -8.00 18.19 14.69
N ASP A 121 -9.34 18.15 14.61
CA ASP A 121 -10.24 18.27 15.76
C ASP A 121 -11.58 17.65 15.35
N GLU A 122 -12.01 16.59 16.04
CA GLU A 122 -13.13 15.77 15.56
C GLU A 122 -14.45 16.48 15.70
N ALA A 123 -14.60 17.23 16.80
CA ALA A 123 -15.79 18.05 17.04
C ALA A 123 -15.95 19.07 15.93
N GLN A 124 -14.84 19.74 15.59
CA GLN A 124 -14.86 20.72 14.52
C GLN A 124 -15.19 20.10 13.16
N ILE A 125 -14.61 18.93 12.89
CA ILE A 125 -14.88 18.21 11.62
C ILE A 125 -16.35 17.83 11.56
N ALA A 126 -16.88 17.33 12.67
CA ALA A 126 -18.31 16.95 12.74
C ALA A 126 -19.20 18.17 12.49
N ALA A 127 -18.91 19.28 13.17
CA ALA A 127 -19.71 20.51 12.95
C ALA A 127 -19.67 21.04 11.49
N TRP A 128 -18.51 20.96 10.87
CA TRP A 128 -18.36 21.33 9.45
C TRP A 128 -19.15 20.39 8.54
N LEU A 129 -19.02 19.07 8.76
CA LEU A 129 -19.74 18.07 7.96
C LEU A 129 -21.25 18.22 8.05
N ALA A 130 -21.73 18.57 9.24
CA ALA A 130 -23.19 18.77 9.44
C ALA A 130 -23.78 19.83 8.51
N VAL A 131 -23.01 20.91 8.32
CA VAL A 131 -23.41 22.06 7.51
C VAL A 131 -22.95 21.92 6.05
N ASN A 132 -21.76 21.37 5.85
CA ASN A 132 -21.13 21.41 4.53
C ASN A 132 -20.96 20.05 3.83
N GLY A 133 -21.27 18.97 4.51
CA GLY A 133 -21.33 17.66 3.84
C GLY A 133 -20.12 16.76 4.07
N PRO A 134 -20.12 15.58 3.43
CA PRO A 134 -19.05 14.58 3.56
C PRO A 134 -17.64 15.13 3.33
N VAL A 135 -16.70 14.57 4.10
CA VAL A 135 -15.35 15.07 4.21
C VAL A 135 -14.37 13.95 3.81
N ALA A 136 -13.43 14.27 2.92
CA ALA A 136 -12.37 13.29 2.60
C ALA A 136 -11.42 13.18 3.79
N VAL A 137 -11.14 11.96 4.24
CA VAL A 137 -10.21 11.78 5.36
C VAL A 137 -9.21 10.67 5.09
N ALA A 138 -7.96 10.90 5.47
CA ALA A 138 -6.92 9.87 5.55
C ALA A 138 -7.08 9.11 6.87
N VAL A 139 -6.86 7.79 6.81
CA VAL A 139 -6.94 6.92 7.97
C VAL A 139 -5.80 5.92 7.95
N ASP A 140 -5.49 5.38 9.12
CA ASP A 140 -4.76 4.11 9.20
C ASP A 140 -5.80 3.01 9.12
N ALA A 141 -5.85 2.31 7.99
CA ALA A 141 -6.81 1.23 7.77
C ALA A 141 -6.15 -0.16 7.79
N SER A 142 -4.93 -0.25 8.29
CA SER A 142 -4.21 -1.53 8.36
C SER A 142 -4.99 -2.58 9.19
N SER A 143 -5.71 -2.12 10.22
CA SER A 143 -6.48 -3.02 11.08
C SER A 143 -7.94 -3.23 10.64
N TRP A 144 -8.24 -2.93 9.38
CA TRP A 144 -9.61 -3.04 8.86
C TRP A 144 -9.87 -4.35 8.10
N MET A 145 -8.89 -5.25 8.11
CA MET A 145 -8.90 -6.39 7.19
C MET A 145 -9.97 -7.43 7.48
N THR A 146 -10.39 -7.56 8.73
CA THR A 146 -11.45 -8.53 9.08
C THR A 146 -12.71 -7.88 9.63
N TYR A 147 -12.87 -6.59 9.37
CA TYR A 147 -14.03 -5.86 9.87
C TYR A 147 -15.31 -6.35 9.18
N THR A 148 -16.30 -6.76 9.97
CA THR A 148 -17.56 -7.24 9.43
C THR A 148 -18.74 -6.41 9.91
N GLY A 149 -18.52 -5.57 10.91
CA GLY A 149 -19.58 -4.77 11.48
C GLY A 149 -19.28 -4.33 12.89
N GLY A 150 -20.14 -3.43 13.39
CA GLY A 150 -20.01 -2.85 14.73
C GLY A 150 -19.22 -1.55 14.73
N VAL A 151 -19.08 -0.97 15.91
CA VAL A 151 -18.30 0.27 16.06
C VAL A 151 -16.88 -0.10 16.53
N MET A 152 -15.90 0.26 15.71
CA MET A 152 -14.52 -0.07 16.02
C MET A 152 -14.00 0.82 17.14
N THR A 153 -13.45 0.21 18.20
CA THR A 153 -12.95 0.99 19.34
C THR A 153 -11.46 0.85 19.60
N SER A 154 -10.78 -0.04 18.86
CA SER A 154 -9.31 -0.10 18.97
C SER A 154 -8.61 -0.17 17.63
N CYS A 155 -9.02 0.70 16.72
CA CYS A 155 -8.38 0.84 15.43
C CYS A 155 -6.90 1.17 15.65
N VAL A 156 -6.02 0.45 14.96
CA VAL A 156 -4.57 0.72 15.03
C VAL A 156 -4.35 2.08 14.36
N SER A 157 -3.80 3.01 15.12
CA SER A 157 -3.70 4.42 14.70
C SER A 157 -2.25 4.86 14.70
N GLU A 158 -1.52 4.43 13.67
CA GLU A 158 -0.08 4.55 13.66
C GLU A 158 0.49 5.18 12.41
N GLN A 159 -0.11 4.87 11.26
CA GLN A 159 0.38 5.36 9.97
C GLN A 159 -0.79 5.53 9.00
N LEU A 160 -1.00 6.77 8.54
CA LEU A 160 -1.96 7.06 7.48
C LEU A 160 -1.58 6.30 6.22
N ASP A 161 -2.49 5.45 5.75
CA ASP A 161 -2.21 4.54 4.63
C ASP A 161 -3.40 4.39 3.66
N HIS A 162 -4.47 5.14 3.89
CA HIS A 162 -5.74 4.93 3.22
C HIS A 162 -6.51 6.24 3.11
N GLY A 163 -7.35 6.37 2.09
CA GLY A 163 -8.25 7.52 1.96
C GLY A 163 -9.68 7.05 1.83
N VAL A 164 -10.58 7.71 2.55
CA VAL A 164 -11.98 7.30 2.65
C VAL A 164 -12.86 8.54 2.77
N LEU A 165 -14.15 8.34 2.99
CA LEU A 165 -15.08 9.48 3.00
C LEU A 165 -15.95 9.42 4.25
N LEU A 166 -15.83 10.44 5.09
CA LEU A 166 -16.76 10.66 6.21
C LEU A 166 -18.12 11.11 5.71
N VAL A 167 -19.16 10.28 5.93
CA VAL A 167 -20.50 10.64 5.44
C VAL A 167 -21.49 11.00 6.58
N GLY A 168 -21.03 10.92 7.83
CA GLY A 168 -21.91 11.15 8.96
C GLY A 168 -21.31 10.78 10.31
N TYR A 169 -22.12 10.95 11.35
CA TYR A 169 -21.71 10.61 12.72
C TYR A 169 -22.96 10.46 13.56
N ASN A 170 -22.80 9.89 14.75
CA ASN A 170 -23.89 9.77 15.70
C ASN A 170 -23.34 9.96 17.10
N ASP A 171 -23.63 11.13 17.68
CA ASP A 171 -23.16 11.52 19.02
C ASP A 171 -24.09 11.06 20.14
N SER A 172 -25.27 10.56 19.77
CA SER A 172 -26.28 10.13 20.75
CA SER A 172 -26.24 10.14 20.79
C SER A 172 -26.10 8.66 21.14
N ALA A 173 -25.40 7.91 20.29
CA ALA A 173 -25.17 6.48 20.51
C ALA A 173 -24.36 6.23 21.77
N ALA A 174 -24.54 5.06 22.37
CA ALA A 174 -23.84 4.69 23.61
C ALA A 174 -22.32 4.76 23.42
N VAL A 175 -21.86 4.34 22.25
CA VAL A 175 -20.50 4.60 21.81
C VAL A 175 -20.61 5.52 20.58
N PRO A 176 -20.39 6.84 20.76
CA PRO A 176 -20.45 7.71 19.58
C PRO A 176 -19.56 7.22 18.44
N TYR A 177 -20.04 7.37 17.21
CA TYR A 177 -19.29 6.90 16.04
C TYR A 177 -19.32 7.84 14.83
N TRP A 178 -18.32 7.67 13.95
CA TRP A 178 -18.34 8.21 12.58
C TRP A 178 -18.88 7.14 11.63
N ILE A 179 -19.53 7.57 10.54
CA ILE A 179 -19.89 6.67 9.44
C ILE A 179 -18.96 6.98 8.27
N ILE A 180 -18.34 5.93 7.76
CA ILE A 180 -17.32 6.08 6.72
C ILE A 180 -17.61 5.20 5.51
N LYS A 181 -17.58 5.81 4.33
CA LYS A 181 -17.70 5.08 3.07
C LYS A 181 -16.36 4.57 2.64
N ASN A 182 -16.25 3.25 2.49
CA ASN A 182 -15.05 2.64 1.93
C ASN A 182 -15.24 2.35 0.43
N SER A 183 -14.15 1.96 -0.23
CA SER A 183 -14.17 1.66 -1.66
C SER A 183 -13.71 0.21 -1.89
N TRP A 184 -14.18 -0.68 -1.04
CA TRP A 184 -13.82 -2.11 -1.12
C TRP A 184 -15.02 -3.01 -1.39
N THR A 185 -15.96 -2.52 -2.22
CA THR A 185 -17.26 -3.18 -2.52
C THR A 185 -18.22 -3.15 -1.33
N THR A 186 -19.48 -3.51 -1.61
CA THR A 186 -20.50 -3.64 -0.56
C THR A 186 -20.40 -4.93 0.24
N GLN A 187 -19.53 -5.84 -0.20
CA GLN A 187 -19.31 -7.09 0.52
C GLN A 187 -18.47 -6.89 1.78
N TRP A 188 -17.68 -5.80 1.80
CA TRP A 188 -16.84 -5.48 2.95
C TRP A 188 -17.62 -4.66 3.97
N GLY A 189 -17.42 -4.97 5.26
CA GLY A 189 -18.03 -4.22 6.36
C GLY A 189 -19.54 -4.22 6.35
N GLU A 190 -20.12 -3.04 6.62
CA GLU A 190 -21.57 -2.90 6.71
C GLU A 190 -22.05 -2.33 5.37
N GLU A 191 -22.30 -3.23 4.43
CA GLU A 191 -22.65 -2.86 3.06
C GLU A 191 -21.67 -1.86 2.44
N GLY A 192 -20.38 -2.01 2.78
CA GLY A 192 -19.33 -1.17 2.23
C GLY A 192 -18.90 -0.02 3.12
N TYR A 193 -19.57 0.11 4.28
CA TYR A 193 -19.34 1.19 5.23
C TYR A 193 -18.68 0.65 6.50
N ILE A 194 -17.97 1.53 7.21
CA ILE A 194 -17.46 1.21 8.55
C ILE A 194 -17.88 2.29 9.55
N ARG A 195 -18.28 1.86 10.74
CA ARG A 195 -18.37 2.80 11.87
C ARG A 195 -17.14 2.65 12.77
N ILE A 196 -16.43 3.76 12.97
CA ILE A 196 -15.36 3.82 13.95
C ILE A 196 -15.79 4.74 15.09
N ALA A 197 -15.32 4.45 16.30
CA ALA A 197 -15.66 5.26 17.46
C ALA A 197 -15.23 6.71 17.21
N LYS A 198 -16.00 7.64 17.76
CA LYS A 198 -15.79 9.07 17.52
C LYS A 198 -15.36 9.75 18.82
N GLY A 199 -14.28 10.52 18.75
CA GLY A 199 -13.75 11.21 19.92
C GLY A 199 -12.41 10.75 20.45
N SER A 200 -11.85 9.67 19.90
CA SER A 200 -10.57 9.13 20.37
C SER A 200 -9.53 9.06 19.24
N ASN A 201 -9.73 9.88 18.20
CA ASN A 201 -8.90 9.83 16.99
C ASN A 201 -8.62 8.41 16.50
N GLN A 202 -9.66 7.57 16.49
CA GLN A 202 -9.56 6.24 15.89
C GLN A 202 -9.00 6.33 14.48
N CYS A 203 -7.99 5.51 14.18
CA CYS A 203 -7.41 5.41 12.81
C CYS A 203 -6.78 6.70 12.34
N LEU A 204 -6.56 7.62 13.27
CA LEU A 204 -5.98 8.94 13.00
C LEU A 204 -6.91 9.76 12.10
N VAL A 205 -8.20 9.46 12.20
CA VAL A 205 -9.27 10.10 11.39
C VAL A 205 -9.25 11.65 11.32
N LYS A 206 -8.71 12.31 12.34
CA LYS A 206 -8.73 13.77 12.38
C LYS A 206 -7.53 14.43 11.68
N GLU A 207 -6.53 13.64 11.29
CA GLU A 207 -5.21 14.18 10.93
C GLU A 207 -5.13 14.89 9.58
N GLU A 208 -5.88 14.39 8.60
CA GLU A 208 -5.84 14.95 7.27
C GLU A 208 -7.22 14.88 6.62
N ALA A 209 -8.09 15.73 7.14
CA ALA A 209 -9.48 15.84 6.69
C ALA A 209 -9.61 17.03 5.78
N SER A 210 -10.30 16.85 4.65
CA SER A 210 -10.46 17.95 3.71
C SER A 210 -11.66 17.81 2.78
N SER A 211 -11.98 18.89 2.09
CA SER A 211 -13.08 18.89 1.14
C SER A 211 -12.82 19.84 0.00
N ALA A 212 -13.26 19.41 -1.18
CA ALA A 212 -13.44 20.28 -2.34
C ALA A 212 -14.42 21.37 -1.99
N VAL A 213 -14.33 22.47 -2.74
CA VAL A 213 -15.24 23.61 -2.64
C VAL A 213 -15.90 23.79 -4.02
N VAL A 214 -17.23 23.85 -4.04
CA VAL A 214 -17.99 24.11 -5.26
C VAL A 214 -18.38 25.61 -5.32
N GLY A 215 -18.79 26.16 -4.19
CA GLY A 215 -18.85 27.64 -4.07
C GLY A 215 -17.90 28.48 -4.96
N ALA B 1 30.91 -12.98 -15.59
CA ALA B 1 29.90 -13.55 -14.65
C ALA B 1 29.29 -14.78 -15.31
N PRO B 2 28.72 -15.71 -14.52
CA PRO B 2 28.06 -16.90 -15.10
C PRO B 2 26.93 -16.53 -16.02
N ALA B 3 26.65 -17.40 -16.98
CA ALA B 3 25.51 -17.26 -17.91
C ALA B 3 24.16 -17.26 -17.18
N ALA B 4 24.06 -18.06 -16.13
CA ALA B 4 22.83 -18.17 -15.36
C ALA B 4 23.13 -18.62 -13.95
N VAL B 5 22.40 -18.08 -12.98
CA VAL B 5 22.55 -18.47 -11.59
C VAL B 5 21.15 -18.66 -11.03
N ASP B 6 20.94 -19.74 -10.30
CA ASP B 6 19.70 -19.95 -9.57
C ASP B 6 20.02 -20.43 -8.15
N TRP B 7 19.94 -19.50 -7.21
CA TRP B 7 20.27 -19.79 -5.81
C TRP B 7 19.35 -20.81 -5.14
N ARG B 8 18.13 -20.97 -5.68
CA ARG B 8 17.21 -22.02 -5.21
C ARG B 8 17.76 -23.42 -5.45
N ALA B 9 18.30 -23.65 -6.65
CA ALA B 9 18.91 -24.93 -7.05
C ALA B 9 20.09 -25.27 -6.14
N ARG B 10 20.67 -24.24 -5.54
CA ARG B 10 21.84 -24.43 -4.68
C ARG B 10 21.47 -24.57 -3.20
N GLY B 11 20.16 -24.59 -2.91
CA GLY B 11 19.66 -24.76 -1.55
C GLY B 11 19.86 -23.57 -0.63
N ALA B 12 19.97 -22.38 -1.21
CA ALA B 12 20.26 -21.16 -0.46
C ALA B 12 19.00 -20.37 -0.11
N VAL B 13 17.83 -20.86 -0.54
CA VAL B 13 16.60 -20.08 -0.43
C VAL B 13 15.53 -20.86 0.31
N THR B 14 14.94 -20.22 1.33
CA THR B 14 13.85 -20.86 2.08
C THR B 14 12.54 -20.87 1.26
N ALA B 15 11.54 -21.60 1.76
CA ALA B 15 10.23 -21.65 1.11
C ALA B 15 9.63 -20.26 0.92
N VAL B 16 8.81 -20.12 -0.12
CA VAL B 16 7.98 -18.93 -0.34
C VAL B 16 7.01 -18.76 0.80
N LYS B 17 6.93 -17.52 1.32
CA LYS B 17 6.09 -17.21 2.47
C LYS B 17 4.82 -16.42 2.10
N ASP B 18 4.00 -16.13 3.10
CA ASP B 18 2.76 -15.37 2.91
C ASP B 18 2.74 -14.18 3.86
N GLN B 19 2.84 -12.97 3.32
CA GLN B 19 2.69 -11.78 4.16
C GLN B 19 1.27 -11.59 4.67
N GLY B 20 0.31 -12.21 3.99
CA GLY B 20 -1.09 -12.10 4.37
C GLY B 20 -1.57 -10.70 4.07
N GLN B 21 -2.58 -10.27 4.83
CA GLN B 21 -3.23 -8.98 4.60
C GLN B 21 -2.51 -7.85 5.36
N CYS B 22 -1.22 -7.73 5.10
CA CYS B 22 -0.34 -6.83 5.83
C CYS B 22 0.70 -6.33 4.84
N GLY B 23 0.93 -5.03 4.82
CA GLY B 23 1.92 -4.45 3.91
C GLY B 23 3.36 -4.64 4.39
N SER B 24 3.70 -5.86 4.78
CA SER B 24 4.99 -6.19 5.40
C SER B 24 6.01 -6.73 4.39
N CYS B 25 5.77 -6.47 3.11
CA CYS B 25 6.66 -6.90 2.04
C CYS B 25 8.11 -6.53 2.32
N TRP B 26 8.31 -5.31 2.82
CA TRP B 26 9.65 -4.80 3.14
C TRP B 26 10.42 -5.73 4.10
N ALA B 27 9.69 -6.27 5.08
CA ALA B 27 10.23 -7.17 6.09
C ALA B 27 10.51 -8.55 5.50
N PHE B 28 9.62 -9.03 4.64
CA PHE B 28 9.80 -10.32 3.94
C PHE B 28 11.02 -10.31 3.02
N SER B 29 11.22 -9.16 2.36
CA SER B 29 12.40 -8.96 1.49
C SER B 29 13.70 -8.91 2.30
N ALA B 30 13.74 -8.09 3.35
CA ALA B 30 14.92 -8.01 4.23
C ALA B 30 15.25 -9.37 4.83
N ILE B 31 14.22 -10.07 5.33
CA ILE B 31 14.44 -11.35 6.00
C ILE B 31 14.85 -12.45 5.03
N GLY B 32 14.21 -12.52 3.87
CA GLY B 32 14.65 -13.44 2.82
C GLY B 32 16.13 -13.30 2.51
N ASN B 33 16.57 -12.06 2.33
CA ASN B 33 17.97 -11.75 2.07
C ASN B 33 18.90 -12.21 3.20
N VAL B 34 18.54 -11.91 4.45
CA VAL B 34 19.35 -12.38 5.58
C VAL B 34 19.42 -13.92 5.63
N GLU B 35 18.28 -14.59 5.46
CA GLU B 35 18.26 -16.06 5.44
C GLU B 35 19.30 -16.60 4.46
N CYS B 36 19.33 -16.02 3.27
CA CYS B 36 20.20 -16.50 2.20
C CYS B 36 21.66 -16.19 2.51
N GLN B 37 21.93 -14.98 2.99
CA GLN B 37 23.29 -14.57 3.32
C GLN B 37 23.85 -15.40 4.48
N TRP B 38 22.98 -15.79 5.41
CA TRP B 38 23.38 -16.60 6.58
C TRP B 38 23.80 -17.99 6.12
N PHE B 39 22.99 -18.60 5.24
CA PHE B 39 23.32 -19.90 4.63
C PHE B 39 24.63 -19.83 3.85
N LEU B 40 24.84 -18.71 3.16
CA LEU B 40 25.99 -18.55 2.30
C LEU B 40 27.28 -18.30 3.05
N ALA B 41 27.16 -17.96 4.33
CA ALA B 41 28.32 -17.87 5.22
C ALA B 41 28.72 -19.22 5.83
N GLY B 42 28.04 -20.29 5.43
CA GLY B 42 28.37 -21.65 5.86
C GLY B 42 27.43 -22.26 6.89
N HIS B 43 26.35 -21.55 7.22
CA HIS B 43 25.42 -22.00 8.27
C HIS B 43 24.22 -22.74 7.65
N PRO B 44 23.53 -23.59 8.43
CA PRO B 44 22.33 -24.25 7.93
C PRO B 44 21.27 -23.21 7.52
N LEU B 45 20.55 -23.50 6.45
CA LEU B 45 19.43 -22.66 6.03
C LEU B 45 18.35 -22.66 7.10
N THR B 46 18.01 -21.46 7.56
CA THR B 46 17.09 -21.27 8.69
C THR B 46 16.04 -20.21 8.37
N ASN B 47 14.77 -20.49 8.66
CA ASN B 47 13.71 -19.46 8.59
C ASN B 47 13.89 -18.43 9.71
N LEU B 48 13.88 -17.15 9.34
CA LEU B 48 14.07 -16.08 10.29
C LEU B 48 12.79 -15.24 10.45
N SER B 49 12.81 -14.32 11.40
CA SER B 49 11.57 -13.66 11.88
C SER B 49 11.21 -12.33 11.21
N GLU B 50 10.24 -12.38 10.29
CA GLU B 50 9.65 -11.17 9.72
C GLU B 50 8.96 -10.35 10.82
N GLN B 51 8.42 -11.06 11.82
CA GLN B 51 7.62 -10.40 12.86
C GLN B 51 8.48 -9.50 13.75
N MET B 52 9.71 -9.93 14.00
CA MET B 52 10.67 -9.10 14.72
C MET B 52 10.68 -7.68 14.12
N LEU B 53 10.81 -7.59 12.80
CA LEU B 53 10.85 -6.30 12.09
C LEU B 53 9.52 -5.58 12.15
N VAL B 54 8.45 -6.26 11.76
CA VAL B 54 7.12 -5.67 11.75
C VAL B 54 6.72 -5.11 13.12
N SER B 55 6.97 -5.85 14.20
CA SER B 55 6.65 -5.42 15.56
C SER B 55 7.60 -4.39 16.15
N CYS B 56 8.90 -4.61 15.98
CA CYS B 56 9.92 -3.89 16.77
C CYS B 56 10.66 -2.78 16.04
N ASP B 57 10.67 -2.81 14.71
CA ASP B 57 11.41 -1.79 13.93
C ASP B 57 10.52 -0.57 13.77
N LYS B 58 10.74 0.41 14.65
CA LYS B 58 9.92 1.61 14.68
C LYS B 58 10.39 2.69 13.69
N THR B 59 11.47 2.43 12.96
CA THR B 59 11.88 3.28 11.84
C THR B 59 11.10 2.93 10.56
N ASP B 60 10.37 1.82 10.62
CA ASP B 60 9.46 1.41 9.55
C ASP B 60 8.06 1.35 10.11
N SER B 61 7.06 1.07 9.26
CA SER B 61 5.66 1.20 9.65
C SER B 61 4.81 -0.09 9.60
N GLY B 62 5.39 -1.22 9.99
CA GLY B 62 4.62 -2.46 10.18
C GLY B 62 3.81 -2.84 8.96
N CYS B 63 2.51 -3.02 9.13
CA CYS B 63 1.65 -3.39 8.02
C CYS B 63 1.33 -2.26 7.05
N SER B 64 1.84 -1.06 7.32
CA SER B 64 1.66 0.09 6.42
C SER B 64 2.94 0.44 5.67
N GLY B 65 3.89 -0.50 5.61
CA GLY B 65 5.03 -0.39 4.72
C GLY B 65 6.32 -0.01 5.40
N GLY B 66 7.42 -0.05 4.65
CA GLY B 66 8.74 0.29 5.18
C GLY B 66 9.76 0.12 4.10
N LEU B 67 11.05 0.21 4.46
CA LEU B 67 12.16 0.14 3.50
C LEU B 67 13.14 -0.92 3.97
N MET B 68 13.60 -1.77 3.05
CA MET B 68 14.56 -2.81 3.44
C MET B 68 15.83 -2.22 4.03
N ASN B 69 16.32 -1.11 3.45
CA ASN B 69 17.50 -0.44 4.03
C ASN B 69 17.31 0.03 5.48
N ASN B 70 16.13 0.58 5.79
CA ASN B 70 15.77 0.92 7.18
C ASN B 70 15.81 -0.31 8.06
N ALA B 71 15.27 -1.41 7.55
CA ALA B 71 15.23 -2.68 8.26
C ALA B 71 16.63 -3.21 8.58
N PHE B 72 17.54 -3.20 7.58
CA PHE B 72 18.92 -3.64 7.81
C PHE B 72 19.60 -2.75 8.86
N GLU B 73 19.36 -1.43 8.79
CA GLU B 73 19.94 -0.48 9.73
C GLU B 73 19.41 -0.67 11.15
N TRP B 74 18.11 -0.93 11.28
CA TRP B 74 17.51 -1.18 12.60
C TRP B 74 18.11 -2.43 13.25
N ILE B 75 18.28 -3.48 12.46
CA ILE B 75 18.82 -4.73 12.99
C ILE B 75 20.19 -4.46 13.64
N VAL B 76 21.03 -3.74 12.90
CA VAL B 76 22.39 -3.45 13.32
C VAL B 76 22.45 -2.40 14.43
N GLN B 77 21.70 -1.32 14.26
CA GLN B 77 21.82 -0.21 15.23
C GLN B 77 20.96 -0.36 16.48
N GLU B 78 19.80 -1.02 16.36
CA GLU B 78 18.91 -1.22 17.52
C GLU B 78 18.85 -2.65 18.07
N ASN B 79 19.22 -3.64 17.27
CA ASN B 79 19.13 -5.03 17.75
C ASN B 79 20.48 -5.76 17.85
N ASN B 80 21.58 -5.03 17.97
CA ASN B 80 22.92 -5.64 18.08
C ASN B 80 23.28 -6.60 16.94
N GLY B 81 22.65 -6.39 15.78
CA GLY B 81 22.89 -7.24 14.61
C GLY B 81 22.05 -8.52 14.57
N ALA B 82 21.25 -8.75 15.61
CA ALA B 82 20.57 -10.03 15.80
C ALA B 82 19.30 -10.14 14.97
N VAL B 83 19.10 -11.31 14.37
CA VAL B 83 17.84 -11.61 13.68
C VAL B 83 17.32 -12.91 14.29
N TYR B 84 16.12 -12.87 14.85
CA TYR B 84 15.59 -14.04 15.53
C TYR B 84 15.11 -15.07 14.53
N THR B 85 15.10 -16.33 14.96
CA THR B 85 14.50 -17.39 14.19
C THR B 85 12.98 -17.15 14.09
N GLU B 86 12.41 -17.60 12.98
CA GLU B 86 10.96 -17.66 12.81
C GLU B 86 10.27 -18.37 13.99
N ASP B 87 10.75 -19.57 14.34
CA ASP B 87 10.11 -20.36 15.39
C ASP B 87 10.18 -19.71 16.79
N SER B 88 11.06 -18.73 16.97
CA SER B 88 11.17 -18.01 18.25
C SER B 88 10.44 -16.67 18.27
N TYR B 89 9.95 -16.23 17.11
CA TYR B 89 9.19 -14.98 16.98
C TYR B 89 8.29 -15.12 15.75
N PRO B 90 7.26 -15.99 15.86
CA PRO B 90 6.46 -16.38 14.71
C PRO B 90 5.58 -15.28 14.14
N TYR B 91 5.42 -15.29 12.83
CA TYR B 91 4.59 -14.31 12.14
C TYR B 91 3.14 -14.40 12.58
N ALA B 92 2.55 -13.26 12.91
CA ALA B 92 1.21 -13.19 13.46
C ALA B 92 0.49 -11.92 12.98
N SER B 93 0.98 -11.34 11.87
CA SER B 93 0.36 -10.14 11.31
C SER B 93 -0.44 -10.40 10.03
N GLY B 94 -0.73 -11.66 9.76
CA GLY B 94 -1.42 -12.05 8.50
C GLY B 94 -2.86 -11.58 8.29
N GLU B 95 -3.49 -11.11 9.37
CA GLU B 95 -4.82 -10.49 9.29
C GLU B 95 -4.72 -8.98 9.43
N GLY B 96 -3.51 -8.45 9.33
CA GLY B 96 -3.29 -7.02 9.30
C GLY B 96 -3.01 -6.34 10.62
N ILE B 97 -3.01 -7.09 11.71
CA ILE B 97 -2.71 -6.54 13.02
C ILE B 97 -1.42 -7.12 13.59
N SER B 98 -0.43 -6.27 13.81
CA SER B 98 0.85 -6.71 14.33
C SER B 98 0.83 -6.70 15.85
N PRO B 99 1.26 -7.82 16.49
CA PRO B 99 1.41 -7.76 17.93
C PRO B 99 2.47 -6.74 18.34
N PRO B 100 2.40 -6.26 19.60
CA PRO B 100 3.40 -5.32 20.10
C PRO B 100 4.77 -5.97 20.10
N CYS B 101 5.81 -5.14 20.08
CA CYS B 101 7.16 -5.65 20.18
C CYS B 101 7.34 -6.33 21.54
N THR B 102 8.03 -7.47 21.53
CA THR B 102 8.51 -8.08 22.75
C THR B 102 10.00 -8.29 22.55
N THR B 103 10.79 -7.87 23.53
CA THR B 103 12.24 -8.01 23.46
C THR B 103 12.68 -9.33 24.07
N SER B 104 11.79 -9.93 24.85
CA SER B 104 12.06 -11.17 25.56
C SER B 104 11.45 -12.39 24.89
N GLY B 105 12.06 -13.55 25.15
CA GLY B 105 11.55 -14.84 24.75
C GLY B 105 11.91 -15.28 23.34
N HIS B 106 12.92 -14.63 22.73
CA HIS B 106 13.29 -14.93 21.33
C HIS B 106 14.70 -15.54 21.23
N THR B 107 15.02 -16.15 20.10
CA THR B 107 16.30 -16.86 19.93
C THR B 107 17.00 -16.33 18.69
N VAL B 108 18.26 -15.95 18.82
CA VAL B 108 19.01 -15.42 17.69
C VAL B 108 19.28 -16.51 16.66
N GLY B 109 18.87 -16.28 15.41
CA GLY B 109 19.10 -17.23 14.32
C GLY B 109 20.24 -16.85 13.40
N ALA B 110 20.46 -15.54 13.24
CA ALA B 110 21.52 -15.02 12.38
C ALA B 110 21.99 -13.68 12.94
N THR B 111 23.22 -13.30 12.63
CA THR B 111 23.74 -11.98 13.01
C THR B 111 24.36 -11.31 11.79
N ILE B 112 24.06 -10.03 11.62
CA ILE B 112 24.60 -9.23 10.53
C ILE B 112 25.42 -8.05 11.06
N THR B 113 26.38 -7.60 10.25
CA THR B 113 27.29 -6.53 10.66
C THR B 113 26.96 -5.20 9.95
N GLY B 114 26.09 -5.27 8.95
CA GLY B 114 25.72 -4.10 8.16
C GLY B 114 24.99 -4.51 6.91
N HIS B 115 24.99 -3.63 5.92
CA HIS B 115 24.41 -3.92 4.60
C HIS B 115 25.11 -3.10 3.52
N VAL B 116 25.03 -3.59 2.28
CA VAL B 116 25.60 -2.91 1.15
C VAL B 116 24.47 -2.45 0.25
N GLU B 117 24.62 -1.25 -0.33
CA GLU B 117 23.64 -0.71 -1.24
C GLU B 117 24.27 -0.75 -2.62
N LEU B 118 23.67 -1.55 -3.51
CA LEU B 118 24.27 -1.87 -4.81
C LEU B 118 24.02 -0.79 -5.86
N PRO B 119 24.93 -0.69 -6.87
CA PRO B 119 24.78 0.27 -7.96
C PRO B 119 23.46 0.08 -8.68
N GLN B 120 22.93 1.18 -9.21
CA GLN B 120 21.71 1.13 -10.00
C GLN B 120 22.07 0.67 -11.41
N ASP B 121 22.44 -0.60 -11.51
CA ASP B 121 23.01 -1.17 -12.73
C ASP B 121 22.75 -2.67 -12.72
N GLU B 122 21.94 -3.14 -13.65
CA GLU B 122 21.47 -4.53 -13.65
C GLU B 122 22.61 -5.53 -13.85
N ALA B 123 23.55 -5.19 -14.72
CA ALA B 123 24.70 -6.04 -15.00
C ALA B 123 25.57 -6.19 -13.75
N GLN B 124 25.82 -5.08 -13.05
CA GLN B 124 26.59 -5.12 -11.81
C GLN B 124 25.87 -5.85 -10.67
N ILE B 125 24.55 -5.64 -10.56
CA ILE B 125 23.76 -6.42 -9.60
C ILE B 125 23.85 -7.92 -9.91
N ALA B 126 23.71 -8.29 -11.18
CA ALA B 126 23.82 -9.70 -11.60
C ALA B 126 25.17 -10.30 -11.16
N ALA B 127 26.26 -9.58 -11.43
CA ALA B 127 27.61 -10.04 -11.10
C ALA B 127 27.82 -10.18 -9.58
N TRP B 128 27.31 -9.20 -8.83
CA TRP B 128 27.35 -9.25 -7.37
C TRP B 128 26.57 -10.47 -6.88
N LEU B 129 25.38 -10.70 -7.45
CA LEU B 129 24.52 -11.82 -7.03
C LEU B 129 25.12 -13.19 -7.30
N ALA B 130 25.80 -13.34 -8.43
CA ALA B 130 26.48 -14.60 -8.77
C ALA B 130 27.51 -15.01 -7.69
N VAL B 131 28.20 -14.02 -7.15
CA VAL B 131 29.28 -14.26 -6.18
C VAL B 131 28.77 -14.24 -4.74
N ASN B 132 27.87 -13.29 -4.43
CA ASN B 132 27.49 -12.99 -3.05
C ASN B 132 26.07 -13.38 -2.64
N GLY B 133 25.28 -13.84 -3.60
CA GLY B 133 23.95 -14.40 -3.31
C GLY B 133 22.78 -13.46 -3.50
N PRO B 134 21.56 -13.90 -3.12
CA PRO B 134 20.32 -13.13 -3.28
C PRO B 134 20.35 -11.71 -2.73
N VAL B 135 19.68 -10.83 -3.46
CA VAL B 135 19.72 -9.39 -3.22
C VAL B 135 18.28 -8.92 -2.96
N ALA B 136 18.08 -8.15 -1.88
CA ALA B 136 16.78 -7.51 -1.65
C ALA B 136 16.60 -6.36 -2.65
N VAL B 137 15.46 -6.29 -3.32
CA VAL B 137 15.22 -5.20 -4.29
C VAL B 137 13.83 -4.58 -4.11
N ALA B 138 13.76 -3.27 -4.30
CA ALA B 138 12.46 -2.63 -4.40
C ALA B 138 12.00 -2.71 -5.85
N VAL B 139 10.69 -2.89 -6.05
CA VAL B 139 10.11 -2.91 -7.39
C VAL B 139 8.80 -2.12 -7.43
N ASP B 140 8.40 -1.71 -8.63
CA ASP B 140 7.02 -1.33 -8.91
C ASP B 140 6.29 -2.65 -9.20
N ALA B 141 5.48 -3.11 -8.25
CA ALA B 141 4.69 -4.33 -8.46
C ALA B 141 3.21 -4.04 -8.71
N SER B 142 2.89 -2.77 -9.03
CA SER B 142 1.49 -2.40 -9.27
C SER B 142 0.88 -3.26 -10.39
N SER B 143 1.68 -3.66 -11.36
CA SER B 143 1.19 -4.39 -12.54
C SER B 143 1.40 -5.92 -12.45
N TRP B 144 1.49 -6.45 -11.23
CA TRP B 144 1.77 -7.87 -11.00
C TRP B 144 0.49 -8.64 -10.60
N MET B 145 -0.68 -8.00 -10.72
CA MET B 145 -1.92 -8.53 -10.16
C MET B 145 -2.53 -9.74 -10.92
N THR B 146 -2.16 -9.91 -12.19
CA THR B 146 -2.72 -11.01 -13.00
C THR B 146 -1.67 -12.04 -13.40
N TYR B 147 -0.43 -11.83 -12.97
CA TYR B 147 0.70 -12.69 -13.35
C TYR B 147 0.53 -14.12 -12.85
N THR B 148 0.62 -15.07 -13.78
CA THR B 148 0.57 -16.51 -13.48
C THR B 148 1.77 -17.29 -14.02
N GLY B 149 2.64 -16.62 -14.79
CA GLY B 149 3.80 -17.28 -15.36
C GLY B 149 4.36 -16.59 -16.58
N GLY B 150 5.54 -17.07 -17.01
CA GLY B 150 6.26 -16.54 -18.17
C GLY B 150 7.22 -15.43 -17.81
N VAL B 151 7.86 -14.86 -18.82
CA VAL B 151 8.77 -13.75 -18.62
C VAL B 151 8.06 -12.42 -18.87
N MET B 152 7.91 -11.65 -17.79
CA MET B 152 7.27 -10.33 -17.86
C MET B 152 8.15 -9.34 -18.62
N THR B 153 7.59 -8.72 -19.66
CA THR B 153 8.36 -7.81 -20.52
C THR B 153 7.82 -6.39 -20.56
N SER B 154 6.62 -6.18 -20.04
CA SER B 154 6.00 -4.88 -20.08
C SER B 154 5.57 -4.39 -18.68
N CYS B 155 6.45 -4.54 -17.71
CA CYS B 155 6.13 -4.19 -16.33
C CYS B 155 5.98 -2.69 -16.16
N VAL B 156 4.90 -2.25 -15.49
CA VAL B 156 4.70 -0.84 -15.22
C VAL B 156 5.80 -0.42 -14.26
N SER B 157 6.60 0.55 -14.69
CA SER B 157 7.83 0.89 -13.99
C SER B 157 7.83 2.36 -13.59
N GLU B 158 6.98 2.72 -12.63
CA GLU B 158 6.72 4.14 -12.34
C GLU B 158 7.00 4.54 -10.89
N GLN B 159 6.69 3.64 -9.97
CA GLN B 159 6.76 3.89 -8.54
C GLN B 159 7.13 2.64 -7.75
N LEU B 160 8.26 2.70 -7.06
CA LEU B 160 8.67 1.64 -6.15
C LEU B 160 7.59 1.52 -5.09
N ASP B 161 7.03 0.32 -4.94
CA ASP B 161 5.92 0.14 -4.02
C ASP B 161 5.95 -1.20 -3.27
N HIS B 162 7.00 -1.98 -3.52
CA HIS B 162 7.08 -3.37 -3.10
C HIS B 162 8.56 -3.77 -2.87
N GLY B 163 8.75 -4.76 -2.01
CA GLY B 163 10.09 -5.27 -1.77
C GLY B 163 10.06 -6.76 -1.97
N VAL B 164 11.03 -7.26 -2.74
CA VAL B 164 11.11 -8.69 -3.06
C VAL B 164 12.59 -9.12 -3.01
N LEU B 165 12.88 -10.34 -3.46
CA LEU B 165 14.23 -10.87 -3.41
C LEU B 165 14.68 -11.47 -4.74
N LEU B 166 15.72 -10.89 -5.35
CA LEU B 166 16.39 -11.48 -6.51
C LEU B 166 17.12 -12.74 -6.09
N VAL B 167 16.76 -13.87 -6.69
CA VAL B 167 17.39 -15.15 -6.36
C VAL B 167 18.18 -15.73 -7.52
N GLY B 168 18.14 -15.06 -8.68
CA GLY B 168 18.89 -15.54 -9.84
C GLY B 168 18.55 -14.81 -11.13
N TYR B 169 19.17 -15.24 -12.22
CA TYR B 169 18.96 -14.63 -13.53
C TYR B 169 19.36 -15.66 -14.55
N ASN B 170 18.95 -15.44 -15.80
CA ASN B 170 19.38 -16.29 -16.91
C ASN B 170 19.62 -15.40 -18.11
N ASP B 171 20.90 -15.21 -18.44
CA ASP B 171 21.31 -14.42 -19.61
C ASP B 171 21.34 -15.21 -20.91
N SER B 172 21.09 -16.51 -20.82
CA SER B 172 21.12 -17.42 -21.98
C SER B 172 19.78 -17.52 -22.69
N ALA B 173 18.70 -17.25 -21.98
CA ALA B 173 17.36 -17.37 -22.53
C ALA B 173 17.17 -16.40 -23.68
N ALA B 174 16.25 -16.74 -24.57
CA ALA B 174 15.93 -15.89 -25.73
C ALA B 174 15.60 -14.48 -25.27
N VAL B 175 14.82 -14.38 -24.19
CA VAL B 175 14.62 -13.13 -23.47
C VAL B 175 15.27 -13.27 -22.08
N PRO B 176 16.46 -12.68 -21.87
CA PRO B 176 17.13 -12.78 -20.56
C PRO B 176 16.23 -12.33 -19.43
N TYR B 177 16.32 -12.99 -18.28
CA TYR B 177 15.42 -12.70 -17.16
C TYR B 177 16.07 -12.71 -15.76
N TRP B 178 15.43 -11.99 -14.84
CA TRP B 178 15.65 -12.09 -13.41
C TRP B 178 14.70 -13.16 -12.86
N ILE B 179 15.12 -13.83 -11.78
CA ILE B 179 14.22 -14.72 -11.00
C ILE B 179 14.01 -14.11 -9.63
N ILE B 180 12.75 -13.89 -9.29
CA ILE B 180 12.38 -13.12 -8.08
C ILE B 180 11.45 -13.90 -7.15
N LYS B 181 11.81 -13.96 -5.87
CA LYS B 181 10.96 -14.55 -4.83
C LYS B 181 9.98 -13.52 -4.31
N ASN B 182 8.69 -13.78 -4.44
CA ASN B 182 7.68 -12.89 -3.89
C ASN B 182 7.22 -13.45 -2.53
N SER B 183 6.39 -12.70 -1.82
CA SER B 183 5.88 -13.15 -0.53
C SER B 183 4.34 -13.21 -0.50
N TRP B 184 3.76 -13.70 -1.61
CA TRP B 184 2.32 -13.79 -1.77
C TRP B 184 1.81 -15.23 -1.92
N THR B 185 2.42 -16.15 -1.17
CA THR B 185 2.19 -17.62 -1.26
C THR B 185 2.73 -18.22 -2.56
N THR B 186 2.78 -19.55 -2.61
CA THR B 186 3.20 -20.30 -3.80
C THR B 186 2.09 -20.36 -4.84
N GLN B 187 0.90 -19.90 -4.45
CA GLN B 187 -0.25 -19.81 -5.35
C GLN B 187 -0.05 -18.70 -6.37
N TRP B 188 0.68 -17.66 -6.00
CA TRP B 188 0.90 -16.56 -6.93
C TRP B 188 2.05 -16.89 -7.89
N GLY B 189 1.87 -16.58 -9.17
CA GLY B 189 2.94 -16.70 -10.16
C GLY B 189 3.50 -18.11 -10.32
N GLU B 190 4.83 -18.20 -10.43
CA GLU B 190 5.48 -19.49 -10.66
C GLU B 190 5.94 -20.13 -9.35
N GLU B 191 5.01 -20.82 -8.69
CA GLU B 191 5.22 -21.37 -7.36
C GLU B 191 5.74 -20.30 -6.37
N GLY B 192 5.23 -19.08 -6.51
CA GLY B 192 5.60 -17.96 -5.62
C GLY B 192 6.61 -17.01 -6.23
N TYR B 193 7.10 -17.38 -7.42
CA TYR B 193 8.17 -16.64 -8.09
C TYR B 193 7.68 -15.92 -9.32
N ILE B 194 8.38 -14.86 -9.69
CA ILE B 194 8.14 -14.15 -10.97
C ILE B 194 9.44 -14.05 -11.74
N ARG B 195 9.36 -14.26 -13.06
CA ARG B 195 10.47 -13.89 -13.94
C ARG B 195 10.09 -12.61 -14.67
N ILE B 196 10.96 -11.61 -14.57
CA ILE B 196 10.82 -10.35 -15.30
C ILE B 196 12.03 -10.24 -16.22
N ALA B 197 11.83 -9.65 -17.40
CA ALA B 197 12.96 -9.42 -18.33
C ALA B 197 14.12 -8.70 -17.65
N LYS B 198 15.33 -9.06 -18.09
CA LYS B 198 16.55 -8.46 -17.57
C LYS B 198 17.22 -7.58 -18.63
N GLY B 199 17.57 -6.36 -18.25
CA GLY B 199 18.28 -5.43 -19.15
C GLY B 199 17.51 -4.18 -19.56
N SER B 200 16.24 -4.10 -19.16
CA SER B 200 15.40 -2.94 -19.50
C SER B 200 14.83 -2.23 -18.28
N ASN B 201 15.46 -2.45 -17.11
CA ASN B 201 14.97 -1.92 -15.84
C ASN B 201 13.48 -2.22 -15.59
N GLN B 202 13.07 -3.45 -15.84
CA GLN B 202 11.67 -3.85 -15.63
C GLN B 202 11.30 -3.60 -14.16
N CYS B 203 10.11 -3.04 -13.93
CA CYS B 203 9.60 -2.76 -12.57
C CYS B 203 10.53 -1.91 -11.71
N LEU B 204 11.46 -1.21 -12.38
CA LEU B 204 12.48 -0.41 -11.69
C LEU B 204 13.40 -1.26 -10.79
N VAL B 205 13.58 -2.52 -11.18
CA VAL B 205 14.35 -3.51 -10.41
C VAL B 205 15.75 -3.06 -9.98
N LYS B 206 16.40 -2.18 -10.76
CA LYS B 206 17.77 -1.75 -10.41
C LYS B 206 17.86 -0.59 -9.40
N GLU B 207 16.73 0.04 -9.09
CA GLU B 207 16.76 1.33 -8.35
C GLU B 207 17.15 1.27 -6.86
N GLU B 208 16.78 0.20 -6.17
CA GLU B 208 17.08 0.10 -4.72
C GLU B 208 17.44 -1.33 -4.33
N ALA B 209 18.63 -1.77 -4.73
CA ALA B 209 19.06 -3.13 -4.50
C ALA B 209 20.08 -3.11 -3.37
N SER B 210 19.93 -4.03 -2.43
CA SER B 210 20.82 -4.07 -1.29
C SER B 210 20.85 -5.46 -0.68
N SER B 211 21.77 -5.68 0.27
CA SER B 211 21.91 -6.98 0.90
C SER B 211 22.57 -6.79 2.24
N ALA B 212 22.14 -7.57 3.23
CA ALA B 212 22.82 -7.64 4.51
C ALA B 212 24.23 -8.19 4.30
N VAL B 213 25.10 -7.94 5.29
CA VAL B 213 26.43 -8.50 5.32
C VAL B 213 26.55 -9.31 6.60
N VAL B 214 26.96 -10.57 6.44
CA VAL B 214 27.19 -11.48 7.54
C VAL B 214 28.67 -11.44 7.92
N GLY B 215 29.56 -11.46 6.92
CA GLY B 215 31.02 -11.27 7.17
C GLY B 215 31.45 -10.18 8.14
S SO4 C . -11.55 -2.17 -14.14
O1 SO4 C . -12.01 -1.71 -15.44
O2 SO4 C . -10.52 -3.19 -14.33
O3 SO4 C . -11.04 -1.05 -13.37
O4 SO4 C . -12.68 -2.74 -13.40
S SO4 D . 0.33 9.06 -19.63
O1 SO4 D . 1.17 10.22 -19.31
O2 SO4 D . -0.22 9.26 -20.98
O3 SO4 D . 1.14 7.85 -19.61
O4 SO4 D . -0.76 8.95 -18.66
S SO4 E . -24.12 -1.61 17.23
O1 SO4 E . -24.51 -0.22 16.98
O2 SO4 E . -23.94 -2.31 15.96
O3 SO4 E . -22.85 -1.65 17.96
O4 SO4 E . -25.15 -2.28 18.01
C39 D1R F . 1.06 8.78 -0.72
C40 D1R F . 2.42 9.25 -1.26
N4 D1R F . 2.68 8.43 -2.46
C33 D1R F . 3.64 9.08 -3.37
C49 D1R F . 3.20 7.14 -2.03
C48 D1R F . 2.24 6.47 -1.03
N3 D1R F . 1.05 7.30 -0.63
C8 D1R F . -0.04 6.65 -0.16
O2 D1R F . 0.00 5.42 -0.10
N1 D1R F . -1.14 7.32 0.23
C9 D1R F . -2.30 6.55 0.73
C10 D1R F . -3.49 7.44 1.19
C11 D1R F . -3.16 8.68 2.02
C12 D1R F . -3.91 9.83 1.81
C13 D1R F . -3.63 10.99 2.56
C14 D1R F . -2.63 10.98 3.55
C15 D1R F . -1.90 9.82 3.77
C16 D1R F . -2.16 8.67 3.01
C17 D1R F . -2.77 5.71 -0.43
O3 D1R F . -2.89 6.19 -1.56
N2 D1R F . -3.04 4.44 -0.14
C18 D1R F . -3.53 3.54 -1.20
C19 D1R F . -2.58 2.31 -1.31
C20 D1R F . -1.25 2.73 -2.00
C21 D1R F . -0.25 1.58 -2.20
C22 D1R F . -0.53 0.51 -3.05
C23 D1R F . 0.41 -0.50 -3.23
C24 D1R F . 1.65 -0.46 -2.56
C25 D1R F . 1.94 0.61 -1.72
C26 D1R F . 1.00 1.63 -1.56
C27 D1R F . -5.00 3.19 -0.90
C28 D1R F . -5.07 2.37 0.39
S1 D1R F . -5.63 0.64 0.17
O4 D1R F . -4.85 0.01 -0.94
O5 D1R F . -7.06 0.67 -0.18
CAB D1R F . -5.32 -0.25 1.65
CAA D1R F . -5.11 -1.62 1.62
CAC D1R F . -4.86 -2.34 2.80
CAE D1R F . -4.81 -1.66 4.02
CAF D1R F . -5.01 -0.28 4.07
CAD D1R F . -5.26 0.42 2.88
S SO4 G . 29.14 -20.26 -17.15
O1 SO4 G . 28.96 -19.07 -17.96
O2 SO4 G . 30.54 -20.40 -16.82
O3 SO4 G . 28.38 -20.14 -15.92
O4 SO4 G . 28.66 -21.44 -17.88
S SO4 H . 24.33 -24.39 -10.99
O1 SO4 H . 24.20 -24.90 -12.35
O2 SO4 H . 24.38 -25.51 -10.06
O3 SO4 H . 25.56 -23.60 -10.90
O4 SO4 H . 23.20 -23.51 -10.66
S SO4 I . 24.14 -27.41 5.44
O1 SO4 I . 24.70 -26.15 5.93
O2 SO4 I . 24.08 -27.40 3.97
O3 SO4 I . 25.00 -28.52 5.84
O4 SO4 I . 22.80 -27.59 5.98
S SO4 J . 9.35 -7.65 26.70
O1 SO4 J . 9.77 -6.60 25.77
O2 SO4 J . 9.40 -8.96 26.05
O3 SO4 J . 10.26 -7.65 27.85
O4 SO4 J . 7.99 -7.35 27.14
S SO4 K . 13.89 -14.77 28.15
O1 SO4 K . 14.12 -14.08 26.88
O2 SO4 K . 14.57 -16.06 28.15
O3 SO4 K . 14.44 -13.92 29.21
O4 SO4 K . 12.47 -14.96 28.39
C39 D1R L . 7.83 3.10 2.84
C40 D1R L . 7.71 4.39 3.68
N4 D1R L . 6.61 4.18 4.64
C33 D1R L . 6.66 5.07 5.81
C49 D1R L . 5.30 4.28 3.98
C48 D1R L . 5.28 3.55 2.63
N3 D1R L . 6.50 2.73 2.32
C8 D1R L . 6.33 1.67 1.49
O2 D1R L . 5.18 1.47 1.08
N1 D1R L . 7.35 0.87 1.13
C9 D1R L . 7.06 -0.30 0.26
C10 D1R L . 8.31 -1.10 -0.16
C11 D1R L . 9.47 -0.25 -0.69
C12 D1R L . 10.76 -0.60 -0.26
C13 D1R L . 11.85 0.13 -0.71
C14 D1R L . 11.64 1.21 -1.58
C15 D1R L . 10.37 1.55 -2.01
C16 D1R L . 9.26 0.82 -1.56
C17 D1R L . 6.21 -1.23 1.15
O3 D1R L . 6.49 -1.41 2.33
N2 D1R L . 5.18 -1.79 0.53
C18 D1R L . 4.27 -2.70 1.22
C19 D1R L . 2.83 -2.12 1.13
C20 D1R L . 2.66 -0.99 2.17
C21 D1R L . 1.25 -0.37 2.25
C22 D1R L . 0.18 -1.09 2.81
C23 D1R L . -1.09 -0.49 2.89
C24 D1R L . -1.28 0.81 2.44
C25 D1R L . -0.20 1.54 1.92
C26 D1R L . 1.06 0.93 1.83
C27 D1R L . 4.48 -4.11 0.61
C28 D1R L . 3.98 -4.13 -0.84
S1 D1R L . 2.49 -5.15 -1.14
O4 D1R L . 1.47 -4.91 -0.09
O5 D1R L . 2.88 -6.58 -1.14
CAB D1R L . 1.85 -4.71 -2.73
CAA D1R L . 0.51 -4.94 -3.03
CAC D1R L . -0.01 -4.60 -4.29
CAE D1R L . 0.82 -4.00 -5.24
CAF D1R L . 2.16 -3.75 -4.94
CAD D1R L . 2.68 -4.11 -3.69
#